data_8CCU
#
_entry.id   8CCU
#
_cell.length_a   33.081
_cell.length_b   79.031
_cell.length_c   90.584
_cell.angle_alpha   90.000
_cell.angle_beta   90.000
_cell.angle_gamma   90.000
#
_symmetry.space_group_name_H-M   'P 21 21 21'
#
loop_
_entity.id
_entity.type
_entity.pdbx_description
1 polymer 'Cathepsin B-like peptidase (C01 family)'
2 non-polymer '[(2~{S})-1-[[(2~{S})-1-[[(2~{S})-5-[(2~{S})-3-methoxy-2-(2-methylpropyl)-5-oxidanylidene-2~{H}-pyrrol-1-yl]-5-oxidanylidene-pentan-2-yl]amino]-4-methyl-1-oxidanylidene-pentan-2-yl]amino]-4-methyl-1-oxidanylidene-pentan-2-yl] (2~{S},3~{S})-2-(dimethylamino)-3-methyl-pentanoate'
3 non-polymer 'SODIUM ION'
4 water water
#
_entity_poly.entity_id   1
_entity_poly.type   'polypeptide(L)'
_entity_poly.pdbx_seq_one_letter_code
;VEIPSSFDSRKKWPRCKSIATIRDQSRCGSCWAFGAVEAMSDRSCIQSGGKQNVELSAVDLLSCCESCGLGCEGGILGPA
WDYWVKEGIVTGSSKENHAGCEPYPFPKCEHHTKGKYPPCGSKIYKTPRCKQTCQKKYKTPYTQDKHRGKSSYNVKNDEK
AIQKEIMKYGPVEAGFTVYEDFLNYKSGIYKHITGETLGGHAIRIIGWGVENKAPYWLIANSWNEDWGENGYFRIVRGRD
ECSIESEVTAGRIN
;
_entity_poly.pdbx_strand_id   AAA
#
loop_
_chem_comp.id
_chem_comp.type
_chem_comp.name
_chem_comp.formula
NA non-polymer 'SODIUM ION' 'Na 1'
U9X non-polymer '[(2~{S})-1-[[(2~{S})-1-[[(2~{S})-5-[(2~{S})-3-methoxy-2-(2-methylpropyl)-5-oxidanylidene-2~{H}-pyrrol-1-yl]-5-oxidanylidene-pentan-2-yl]amino]-4-methyl-1-oxidanylidene-pentan-2-yl]amino]-4-methyl-1-oxidanylidene-pentan-2-yl] (2~{S},3~{S})-2-(dimethylamino)-3-methyl-pentanoate' 'C34 H60 N4 O7'
#
# COMPACT_ATOMS: atom_id res chain seq x y z
N VAL A 1 24.95 8.83 1.47
CA VAL A 1 24.63 8.88 2.94
C VAL A 1 24.95 7.51 3.54
N GLU A 2 25.26 7.48 4.84
CA GLU A 2 25.42 6.21 5.56
C GLU A 2 24.04 5.65 5.93
N ILE A 3 23.81 4.42 5.50
CA ILE A 3 22.55 3.70 5.76
C ILE A 3 22.65 3.08 7.14
N PRO A 4 21.70 3.35 8.05
CA PRO A 4 21.69 2.67 9.32
C PRO A 4 21.33 1.20 9.19
N SER A 5 21.71 0.42 10.19
CA SER A 5 21.46 -1.04 10.22
C SER A 5 19.97 -1.34 10.31
N SER A 6 19.19 -0.41 10.86
CA SER A 6 17.71 -0.54 10.84
C SER A 6 17.10 0.83 10.62
N PHE A 7 15.88 0.81 10.12
CA PHE A 7 15.14 2.06 9.85
C PHE A 7 13.66 1.75 9.87
N ASP A 8 12.89 2.65 10.48
CA ASP A 8 11.44 2.45 10.53
C ASP A 8 10.78 3.80 10.26
N SER A 9 10.06 3.94 9.12
CA SER A 9 9.44 5.23 8.76
C SER A 9 8.50 5.71 9.88
N ARG A 10 7.92 4.81 10.63
CA ARG A 10 6.95 5.18 11.69
C ARG A 10 7.70 5.92 12.79
N LYS A 11 8.95 5.60 12.99
CA LYS A 11 9.78 6.23 14.03
C LYS A 11 10.38 7.53 13.50
N LYS A 12 10.71 7.63 12.21
CA LYS A 12 11.28 8.89 11.68
C LYS A 12 10.21 9.99 11.63
N TRP A 13 8.98 9.64 11.22
CA TRP A 13 7.92 10.64 10.89
C TRP A 13 6.66 10.30 11.68
N PRO A 14 6.75 10.31 13.01
CA PRO A 14 5.62 9.87 13.83
C PRO A 14 4.40 10.77 13.78
N ARG A 15 4.53 12.01 13.31
CA ARG A 15 3.34 12.89 13.18
C ARG A 15 2.46 12.43 12.00
N CYS A 16 3.01 11.66 11.07
CA CYS A 16 2.27 11.20 9.86
C CYS A 16 1.60 9.88 10.22
N LYS A 17 0.41 9.96 10.73
CA LYS A 17 -0.29 8.79 11.26
C LYS A 17 -0.61 7.77 10.15
N SER A 18 -0.66 8.14 8.86
CA SER A 18 -0.96 7.14 7.82
C SER A 18 0.12 6.07 7.87
N ILE A 19 1.34 6.42 8.27
CA ILE A 19 2.50 5.49 8.09
C ILE A 19 2.26 4.23 8.95
N ALA A 20 1.64 4.38 10.12
CA ALA A 20 1.35 3.29 11.07
C ALA A 20 -0.07 2.75 10.87
N THR A 21 -0.73 3.06 9.77
CA THR A 21 -2.11 2.61 9.54
C THR A 21 -2.04 1.38 8.66
N ILE A 22 -2.62 0.28 9.11
CA ILE A 22 -2.86 -0.94 8.27
C ILE A 22 -4.28 -0.92 7.73
N ARG A 23 -4.41 -1.10 6.44
CA ARG A 23 -5.71 -1.11 5.74
C ARG A 23 -6.10 -2.55 5.36
N ASP A 24 -7.28 -2.68 4.78
CA ASP A 24 -7.82 -3.99 4.34
C ASP A 24 -8.46 -3.80 2.97
N GLN A 25 -7.92 -4.47 1.98
CA GLN A 25 -8.42 -4.43 0.57
C GLN A 25 -9.70 -5.22 0.43
N SER A 26 -10.10 -5.98 1.44
CA SER A 26 -11.36 -6.79 1.41
C SER A 26 -11.35 -7.80 0.23
N ARG A 27 -12.52 -8.18 -0.29
CA ARG A 27 -12.70 -9.28 -1.29
C ARG A 27 -12.47 -8.69 -2.70
N CYS A 28 -11.28 -8.17 -2.92
CA CYS A 28 -10.94 -7.33 -4.08
C CYS A 28 -9.43 -7.48 -4.31
N GLY A 29 -9.02 -7.66 -5.55
CA GLY A 29 -7.60 -7.64 -5.98
C GLY A 29 -7.06 -6.24 -6.15
N SER A 30 -7.33 -5.39 -5.17
CA SER A 30 -6.96 -3.97 -5.24
C SER A 30 -5.64 -3.70 -4.48
N CYS A 31 -4.80 -4.72 -4.25
CA CYS A 31 -3.49 -4.51 -3.58
C CYS A 31 -2.72 -3.37 -4.25
N TRP A 32 -2.74 -3.32 -5.59
CA TRP A 32 -1.98 -2.31 -6.38
C TRP A 32 -2.42 -0.91 -5.97
N ALA A 33 -3.72 -0.74 -5.71
CA ALA A 33 -4.26 0.60 -5.37
C ALA A 33 -3.99 0.92 -3.89
N PHE A 34 -4.06 -0.08 -3.01
CA PHE A 34 -3.80 0.11 -1.56
C PHE A 34 -2.34 0.50 -1.34
N GLY A 35 -1.40 -0.27 -1.89
CA GLY A 35 0.02 0.10 -1.72
C GLY A 35 0.28 1.51 -2.23
N ALA A 36 -0.37 1.91 -3.31
CA ALA A 36 -0.27 3.27 -3.90
C ALA A 36 -0.81 4.31 -2.94
N VAL A 37 -2.08 4.23 -2.55
CA VAL A 37 -2.69 5.35 -1.79
C VAL A 37 -2.07 5.38 -0.40
N GLU A 38 -1.63 4.23 0.15
CA GLU A 38 -0.93 4.23 1.45
C GLU A 38 0.38 5.00 1.32
N ALA A 39 1.26 4.63 0.37
CA ALA A 39 2.57 5.31 0.25
C ALA A 39 2.39 6.77 -0.15
N MET A 40 1.38 7.07 -0.95
CA MET A 40 1.06 8.46 -1.33
C MET A 40 0.60 9.27 -0.11
N SER A 41 -0.23 8.70 0.75
CA SER A 41 -0.67 9.37 2.00
C SER A 41 0.57 9.69 2.84
N ASP A 42 1.41 8.67 3.03
CA ASP A 42 2.65 8.83 3.82
C ASP A 42 3.49 9.96 3.23
N ARG A 43 3.77 9.87 1.92
CA ARG A 43 4.74 10.82 1.27
C ARG A 43 4.17 12.23 1.20
N SER A 44 2.84 12.34 1.03
CA SER A 44 2.15 13.66 1.06
C SER A 44 2.43 14.33 2.40
N CYS A 45 2.34 13.59 3.49
CA CYS A 45 2.54 14.14 4.85
C CYS A 45 4.02 14.38 5.12
N ILE A 46 4.89 13.43 4.80
CA ILE A 46 6.33 13.55 5.05
C ILE A 46 6.89 14.76 4.27
N GLN A 47 6.57 14.86 2.98
CA GLN A 47 7.25 15.83 2.08
C GLN A 47 6.65 17.25 2.24
N SER A 48 5.51 17.38 2.93
CA SER A 48 4.86 18.67 3.25
C SER A 48 5.10 19.08 4.71
N GLY A 49 6.01 18.45 5.40
CA GLY A 49 6.28 18.72 6.81
C GLY A 49 5.03 18.57 7.68
N GLY A 50 4.14 17.66 7.31
CA GLY A 50 2.96 17.37 8.13
C GLY A 50 1.78 18.26 7.78
N LYS A 51 1.86 19.07 6.72
CA LYS A 51 0.75 19.97 6.32
C LYS A 51 -0.37 19.14 5.70
N GLN A 52 -0.04 18.30 4.73
CA GLN A 52 -1.01 17.37 4.09
C GLN A 52 -1.08 16.07 4.90
N ASN A 53 -1.90 16.05 5.94
CA ASN A 53 -2.02 14.91 6.86
C ASN A 53 -3.35 14.23 6.52
N VAL A 54 -3.35 13.37 5.51
CA VAL A 54 -4.61 12.83 4.93
C VAL A 54 -4.53 11.33 4.72
N GLU A 55 -5.68 10.70 4.58
N GLU A 55 -5.69 10.70 4.59
CA GLU A 55 -5.83 9.27 4.22
CA GLU A 55 -5.84 9.28 4.24
C GLU A 55 -6.47 9.27 2.84
C GLU A 55 -6.48 9.22 2.85
N LEU A 56 -5.69 8.91 1.82
CA LEU A 56 -6.19 8.98 0.44
C LEU A 56 -7.07 7.79 0.16
N SER A 57 -8.08 8.04 -0.69
CA SER A 57 -9.17 7.08 -1.05
C SER A 57 -8.62 5.97 -1.92
N ALA A 58 -8.63 4.72 -1.45
CA ALA A 58 -8.36 3.55 -2.31
C ALA A 58 -9.42 3.39 -3.42
N VAL A 59 -10.69 3.67 -3.11
CA VAL A 59 -11.77 3.42 -4.10
C VAL A 59 -11.70 4.46 -5.22
N ASP A 60 -11.30 5.69 -4.96
CA ASP A 60 -11.16 6.69 -6.05
C ASP A 60 -10.15 6.15 -7.09
N LEU A 61 -8.98 5.77 -6.67
CA LEU A 61 -7.95 5.26 -7.59
C LEU A 61 -8.48 3.98 -8.24
N LEU A 62 -8.95 3.04 -7.45
CA LEU A 62 -9.39 1.71 -7.93
C LEU A 62 -10.46 1.87 -9.02
N SER A 63 -11.44 2.76 -8.81
CA SER A 63 -12.64 2.88 -9.69
C SER A 63 -12.41 3.83 -10.86
N CYS A 64 -11.52 4.80 -10.78
CA CYS A 64 -11.48 5.89 -11.76
C CYS A 64 -10.27 5.79 -12.69
N CYS A 65 -9.20 5.10 -12.32
CA CYS A 65 -7.98 5.06 -13.16
C CYS A 65 -8.18 4.12 -14.37
N GLU A 66 -8.23 4.66 -15.58
CA GLU A 66 -8.62 3.90 -16.79
C GLU A 66 -7.44 3.08 -17.31
N SER A 67 -6.23 3.42 -16.90
CA SER A 67 -4.96 2.89 -17.45
C SER A 67 -4.32 1.91 -16.47
N CYS A 68 -4.90 1.72 -15.29
CA CYS A 68 -4.26 0.99 -14.18
C CYS A 68 -4.56 -0.52 -14.25
N GLY A 69 -5.27 -1.02 -15.28
CA GLY A 69 -5.52 -2.46 -15.42
C GLY A 69 -6.98 -2.80 -15.17
N LEU A 70 -7.30 -3.80 -14.34
CA LEU A 70 -8.62 -4.46 -14.32
C LEU A 70 -9.29 -4.28 -12.95
N GLY A 71 -8.99 -3.23 -12.20
CA GLY A 71 -9.76 -2.92 -11.00
C GLY A 71 -9.61 -4.00 -9.93
N CYS A 72 -10.70 -4.58 -9.47
CA CYS A 72 -10.68 -5.66 -8.47
C CYS A 72 -10.04 -6.91 -9.03
N GLU A 73 -9.77 -7.00 -10.34
CA GLU A 73 -9.09 -8.22 -10.89
C GLU A 73 -7.59 -7.99 -10.96
N GLY A 74 -7.09 -6.85 -10.49
CA GLY A 74 -5.66 -6.59 -10.41
C GLY A 74 -5.26 -5.41 -11.26
N GLY A 75 -4.09 -4.84 -10.99
CA GLY A 75 -3.63 -3.61 -11.66
C GLY A 75 -2.13 -3.46 -11.73
N ILE A 76 -1.70 -2.26 -12.08
CA ILE A 76 -0.34 -1.95 -12.57
C ILE A 76 0.14 -0.71 -11.81
N LEU A 77 1.36 -0.75 -11.27
CA LEU A 77 1.85 0.32 -10.35
C LEU A 77 2.15 1.64 -11.06
N GLY A 78 2.88 1.64 -12.17
CA GLY A 78 3.30 2.89 -12.82
C GLY A 78 2.13 3.82 -13.09
N PRO A 79 1.07 3.27 -13.73
CA PRO A 79 -0.07 4.08 -14.08
C PRO A 79 -0.80 4.56 -12.81
N ALA A 80 -0.74 3.83 -11.69
CA ALA A 80 -1.38 4.32 -10.45
C ALA A 80 -0.67 5.60 -10.01
N TRP A 81 0.65 5.60 -10.06
CA TRP A 81 1.45 6.77 -9.61
C TRP A 81 1.28 7.90 -10.63
N ASP A 82 1.14 7.59 -11.92
CA ASP A 82 0.88 8.64 -12.94
C ASP A 82 -0.49 9.28 -12.67
N TYR A 83 -1.47 8.46 -12.28
CA TYR A 83 -2.84 8.96 -11.98
C TYR A 83 -2.77 10.00 -10.87
N TRP A 84 -2.02 9.69 -9.81
CA TRP A 84 -1.84 10.61 -8.68
C TRP A 84 -1.20 11.92 -9.15
N VAL A 85 -0.20 11.84 -10.03
CA VAL A 85 0.43 13.06 -10.59
C VAL A 85 -0.57 13.87 -11.42
N LYS A 86 -1.30 13.24 -12.30
CA LYS A 86 -2.06 13.98 -13.32
C LYS A 86 -3.46 14.37 -12.80
N GLU A 87 -4.23 13.40 -12.27
CA GLU A 87 -5.64 13.56 -11.82
CA GLU A 87 -5.63 13.64 -11.82
C GLU A 87 -5.71 13.85 -10.30
N GLY A 88 -4.79 13.25 -9.57
CA GLY A 88 -4.82 13.28 -8.10
C GLY A 88 -5.88 12.36 -7.54
N ILE A 89 -5.85 12.20 -6.21
CA ILE A 89 -6.75 11.23 -5.52
C ILE A 89 -7.41 11.98 -4.36
N VAL A 90 -8.71 11.77 -4.15
CA VAL A 90 -9.43 12.36 -3.00
C VAL A 90 -9.10 11.61 -1.71
N THR A 91 -9.66 12.09 -0.61
CA THR A 91 -9.51 11.43 0.70
C THR A 91 -10.58 10.36 0.88
N GLY A 92 -10.36 9.44 1.79
CA GLY A 92 -11.40 8.46 2.16
C GLY A 92 -10.77 7.33 2.96
N SER A 93 -11.40 6.99 4.07
CA SER A 93 -10.92 5.93 4.96
C SER A 93 -11.60 4.59 4.65
N SER A 94 -11.62 3.71 5.65
CA SER A 94 -12.27 2.37 5.60
C SER A 94 -13.79 2.47 5.58
N LYS A 95 -14.46 1.38 5.22
CA LYS A 95 -15.91 1.28 5.31
C LYS A 95 -16.33 1.59 6.75
N GLU A 96 -15.59 1.07 7.72
CA GLU A 96 -15.99 1.03 9.14
C GLU A 96 -15.86 2.46 9.71
N ASN A 97 -14.84 3.20 9.33
CA ASN A 97 -14.62 4.57 9.86
C ASN A 97 -15.39 5.62 9.07
N HIS A 98 -15.61 5.36 7.77
CA HIS A 98 -16.36 6.16 6.79
C HIS A 98 -16.07 7.66 6.95
N ALA A 99 -14.80 8.00 6.91
CA ALA A 99 -14.31 9.40 6.95
C ALA A 99 -13.85 9.81 5.53
N GLY A 100 -13.81 11.12 5.28
CA GLY A 100 -13.22 11.68 4.05
C GLY A 100 -14.22 11.67 2.92
N CYS A 101 -13.77 11.97 1.70
CA CYS A 101 -14.65 12.14 0.53
C CYS A 101 -15.29 10.81 0.12
N GLU A 102 -14.47 9.78 -0.08
CA GLU A 102 -14.92 8.50 -0.66
C GLU A 102 -14.32 7.36 0.13
N PRO A 103 -14.93 6.99 1.25
CA PRO A 103 -14.48 5.84 2.00
C PRO A 103 -14.66 4.53 1.22
N TYR A 104 -13.92 3.52 1.60
CA TYR A 104 -13.92 2.21 0.90
C TYR A 104 -15.29 1.52 1.06
N PRO A 105 -15.88 0.95 0.01
CA PRO A 105 -17.21 0.34 0.12
C PRO A 105 -17.27 -1.07 0.71
N PHE A 106 -16.12 -1.73 0.86
CA PHE A 106 -16.01 -3.16 1.19
C PHE A 106 -15.49 -3.37 2.61
N PRO A 107 -16.06 -4.38 3.31
CA PRO A 107 -15.77 -4.60 4.73
C PRO A 107 -14.52 -5.43 4.98
N LYS A 108 -13.98 -5.32 6.20
N LYS A 108 -13.98 -5.31 6.19
CA LYS A 108 -12.75 -6.04 6.62
CA LYS A 108 -12.79 -6.06 6.64
C LYS A 108 -13.07 -7.54 6.64
C LYS A 108 -13.12 -7.56 6.55
N CYS A 109 -12.13 -8.37 6.18
CA CYS A 109 -12.30 -9.83 6.13
C CYS A 109 -10.93 -10.49 6.33
N GLU A 110 -10.92 -11.73 6.83
CA GLU A 110 -9.66 -12.44 7.03
C GLU A 110 -9.14 -13.04 5.72
N HIS A 111 -7.87 -12.79 5.44
CA HIS A 111 -7.17 -13.23 4.22
C HIS A 111 -6.35 -14.49 4.56
N HIS A 112 -6.99 -15.66 4.48
CA HIS A 112 -6.30 -16.96 4.69
C HIS A 112 -5.59 -17.00 6.03
N THR A 113 -6.26 -16.56 7.10
CA THR A 113 -5.67 -16.53 8.44
C THR A 113 -6.80 -16.45 9.47
N LYS A 114 -6.51 -16.73 10.74
CA LYS A 114 -7.56 -16.78 11.78
C LYS A 114 -7.71 -15.42 12.41
N GLY A 115 -8.92 -15.05 12.79
CA GLY A 115 -9.09 -13.83 13.59
C GLY A 115 -10.55 -13.49 13.73
N LYS A 116 -10.84 -12.23 13.96
CA LYS A 116 -12.15 -11.78 14.48
C LYS A 116 -13.04 -11.26 13.35
N TYR A 117 -12.53 -11.17 12.12
CA TYR A 117 -13.37 -10.72 10.98
C TYR A 117 -13.91 -11.95 10.25
N PRO A 118 -14.97 -11.80 9.45
CA PRO A 118 -15.44 -12.87 8.61
C PRO A 118 -14.37 -13.26 7.61
N PRO A 119 -14.29 -14.54 7.21
CA PRO A 119 -13.33 -14.98 6.19
C PRO A 119 -13.61 -14.25 4.89
N CYS A 120 -12.57 -13.84 4.17
CA CYS A 120 -12.75 -13.24 2.82
C CYS A 120 -13.42 -14.25 1.88
N GLY A 121 -13.03 -15.52 1.92
CA GLY A 121 -13.57 -16.48 0.93
C GLY A 121 -12.87 -16.32 -0.41
N SER A 122 -13.42 -16.96 -1.44
CA SER A 122 -12.84 -17.04 -2.80
C SER A 122 -13.54 -16.10 -3.81
N LYS A 123 -14.73 -15.59 -3.50
N LYS A 123 -14.72 -15.58 -3.52
N LYS A 123 -14.72 -15.58 -3.49
CA LYS A 123 -15.47 -14.70 -4.42
CA LYS A 123 -15.45 -14.66 -4.43
CA LYS A 123 -15.60 -14.77 -4.42
C LYS A 123 -14.88 -13.29 -4.31
C LYS A 123 -14.84 -13.25 -4.30
C LYS A 123 -15.17 -13.29 -4.40
N ILE A 124 -14.99 -12.54 -5.40
N ILE A 124 -14.73 -12.51 -5.41
CA ILE A 124 -14.44 -11.17 -5.57
CA ILE A 124 -14.32 -11.07 -5.35
C ILE A 124 -15.63 -10.22 -5.78
C ILE A 124 -15.45 -10.17 -5.87
N TYR A 125 -15.60 -9.01 -5.24
CA TYR A 125 -16.56 -7.97 -5.62
C TYR A 125 -16.29 -7.50 -7.05
N LYS A 126 -17.35 -7.01 -7.69
CA LYS A 126 -17.22 -6.19 -8.91
C LYS A 126 -16.46 -4.90 -8.57
N THR A 127 -15.65 -4.43 -9.49
CA THR A 127 -14.98 -3.14 -9.33
C THR A 127 -16.05 -2.07 -9.18
N PRO A 128 -15.92 -1.22 -8.14
CA PRO A 128 -16.88 -0.15 -7.95
C PRO A 128 -16.87 0.84 -9.13
N ARG A 129 -17.98 1.53 -9.34
CA ARG A 129 -18.08 2.58 -10.39
C ARG A 129 -17.34 3.84 -9.93
N CYS A 130 -16.83 4.59 -10.88
CA CYS A 130 -16.13 5.88 -10.63
C CYS A 130 -17.22 6.95 -10.34
N LYS A 131 -17.57 7.21 -9.08
CA LYS A 131 -18.77 8.03 -8.75
C LYS A 131 -18.47 9.52 -8.68
N GLN A 132 -17.25 9.94 -8.38
CA GLN A 132 -16.85 11.37 -8.47
CA GLN A 132 -16.85 11.37 -8.47
C GLN A 132 -17.76 12.22 -7.58
N THR A 133 -18.08 11.71 -6.38
CA THR A 133 -19.04 12.36 -5.48
C THR A 133 -18.61 12.09 -4.03
N CYS A 134 -18.41 13.11 -3.24
CA CYS A 134 -18.06 12.98 -1.82
C CYS A 134 -19.30 12.55 -1.04
N GLN A 135 -19.10 11.79 0.02
CA GLN A 135 -20.23 11.41 0.88
C GLN A 135 -20.95 12.67 1.38
N LYS A 136 -22.24 12.54 1.69
CA LYS A 136 -23.12 13.70 2.00
C LYS A 136 -22.51 14.52 3.12
N LYS A 137 -21.98 13.87 4.17
CA LYS A 137 -21.47 14.60 5.35
C LYS A 137 -20.19 15.38 5.06
N TYR A 138 -19.50 15.11 3.94
CA TYR A 138 -18.20 15.74 3.66
C TYR A 138 -18.46 16.95 2.78
N LYS A 139 -18.07 18.13 3.22
CA LYS A 139 -18.56 19.39 2.61
C LYS A 139 -17.51 19.99 1.69
N THR A 140 -16.64 19.18 1.08
CA THR A 140 -15.76 19.61 -0.03
C THR A 140 -16.24 18.89 -1.28
N PRO A 141 -16.49 19.58 -2.42
CA PRO A 141 -16.77 18.91 -3.67
C PRO A 141 -15.59 18.00 -4.08
N TYR A 142 -15.93 16.87 -4.66
CA TYR A 142 -14.97 15.81 -5.12
C TYR A 142 -13.74 16.41 -5.79
N THR A 143 -13.90 17.26 -6.82
CA THR A 143 -12.72 17.76 -7.60
C THR A 143 -11.81 18.59 -6.73
N GLN A 144 -12.36 19.23 -5.70
CA GLN A 144 -11.61 20.16 -4.83
C GLN A 144 -10.99 19.40 -3.66
N ASP A 145 -11.18 18.08 -3.60
CA ASP A 145 -10.59 17.27 -2.48
C ASP A 145 -9.41 16.47 -3.03
N LYS A 146 -9.06 16.72 -4.29
CA LYS A 146 -7.99 15.98 -5.00
C LYS A 146 -6.62 16.40 -4.47
N HIS A 147 -5.77 15.43 -4.15
CA HIS A 147 -4.35 15.59 -3.75
C HIS A 147 -3.48 15.05 -4.90
N ARG A 148 -2.56 15.85 -5.41
CA ARG A 148 -1.74 15.49 -6.60
C ARG A 148 -0.27 15.37 -6.25
N GLY A 149 0.43 14.49 -6.91
CA GLY A 149 1.89 14.47 -6.92
C GLY A 149 2.49 15.32 -8.01
N LYS A 150 3.81 15.52 -7.95
CA LYS A 150 4.56 16.25 -9.01
C LYS A 150 5.28 15.28 -9.93
N SER A 151 5.81 14.20 -9.39
CA SER A 151 6.58 13.22 -10.17
C SER A 151 6.27 11.80 -9.69
N SER A 152 6.52 10.86 -10.58
CA SER A 152 6.48 9.42 -10.25
C SER A 152 7.61 8.72 -10.97
N TYR A 153 8.09 7.63 -10.38
CA TYR A 153 9.30 6.99 -10.92
C TYR A 153 9.37 5.56 -10.39
N ASN A 154 10.07 4.74 -11.15
CA ASN A 154 10.53 3.45 -10.65
C ASN A 154 11.86 3.67 -9.93
N VAL A 155 12.06 2.96 -8.86
CA VAL A 155 13.34 3.01 -8.11
C VAL A 155 14.25 1.89 -8.65
N LYS A 156 15.54 2.20 -8.77
CA LYS A 156 16.56 1.24 -9.23
C LYS A 156 16.49 -0.05 -8.41
N ASN A 157 16.77 -1.17 -9.05
CA ASN A 157 16.73 -2.53 -8.45
C ASN A 157 18.05 -2.74 -7.75
N ASP A 158 18.31 -1.93 -6.73
CA ASP A 158 19.57 -1.87 -5.95
C ASP A 158 19.15 -1.68 -4.50
N GLU A 159 19.64 -2.54 -3.61
CA GLU A 159 19.26 -2.52 -2.17
C GLU A 159 19.52 -1.12 -1.59
N LYS A 160 20.74 -0.63 -1.74
CA LYS A 160 21.13 0.67 -1.14
C LYS A 160 20.30 1.81 -1.75
N ALA A 161 20.04 1.79 -3.05
CA ALA A 161 19.18 2.82 -3.67
C ALA A 161 17.79 2.83 -3.02
N ILE A 162 17.23 1.65 -2.77
CA ILE A 162 15.86 1.52 -2.19
C ILE A 162 15.92 2.08 -0.76
N GLN A 163 16.95 1.72 -0.02
CA GLN A 163 17.11 2.19 1.37
C GLN A 163 17.25 3.71 1.36
N LYS A 164 18.08 4.29 0.47
CA LYS A 164 18.23 5.77 0.46
C LYS A 164 16.91 6.43 0.11
N GLU A 165 16.16 5.89 -0.86
CA GLU A 165 14.88 6.50 -1.26
C GLU A 165 13.90 6.53 -0.07
N ILE A 166 13.76 5.41 0.63
CA ILE A 166 12.82 5.29 1.78
C ILE A 166 13.23 6.29 2.87
N MET A 167 14.51 6.32 3.21
N MET A 167 14.51 6.33 3.23
CA MET A 167 15.02 7.15 4.32
CA MET A 167 14.93 7.17 4.39
C MET A 167 14.84 8.64 4.01
C MET A 167 14.86 8.66 4.02
N LYS A 168 14.99 9.04 2.75
CA LYS A 168 14.94 10.48 2.37
C LYS A 168 13.49 10.93 2.06
N TYR A 169 12.72 10.13 1.32
CA TYR A 169 11.43 10.55 0.75
C TYR A 169 10.23 9.77 1.28
N GLY A 170 10.41 8.65 1.99
CA GLY A 170 9.32 7.94 2.67
C GLY A 170 9.07 6.55 2.10
N PRO A 171 8.08 5.85 2.68
CA PRO A 171 7.69 4.53 2.20
C PRO A 171 7.41 4.47 0.69
N VAL A 172 7.69 3.31 0.10
CA VAL A 172 7.57 3.05 -1.35
C VAL A 172 6.54 1.96 -1.54
N GLU A 173 5.99 1.92 -2.75
CA GLU A 173 5.18 0.77 -3.18
C GLU A 173 6.12 -0.27 -3.81
N ALA A 174 5.79 -1.55 -3.69
CA ALA A 174 6.65 -2.60 -4.26
C ALA A 174 5.80 -3.80 -4.63
N GLY A 175 6.08 -4.37 -5.78
CA GLY A 175 5.45 -5.64 -6.19
C GLY A 175 6.33 -6.82 -5.88
N PHE A 176 5.72 -7.97 -5.74
CA PHE A 176 6.50 -9.21 -5.57
C PHE A 176 5.66 -10.39 -6.01
N THR A 177 6.33 -11.50 -6.30
CA THR A 177 5.64 -12.73 -6.72
C THR A 177 5.18 -13.48 -5.48
N VAL A 178 3.88 -13.72 -5.37
CA VAL A 178 3.28 -14.41 -4.20
C VAL A 178 3.21 -15.90 -4.53
N TYR A 179 3.74 -16.71 -3.63
CA TYR A 179 3.65 -18.20 -3.69
C TYR A 179 2.72 -18.69 -2.59
N GLU A 180 2.22 -19.94 -2.72
CA GLU A 180 1.16 -20.44 -1.79
C GLU A 180 1.64 -20.33 -0.35
N ASP A 181 2.92 -20.54 -0.06
CA ASP A 181 3.37 -20.52 1.34
C ASP A 181 3.29 -19.12 1.96
N PHE A 182 3.18 -18.05 1.17
CA PHE A 182 2.96 -16.69 1.73
C PHE A 182 1.61 -16.62 2.49
N LEU A 183 0.62 -17.40 2.02
CA LEU A 183 -0.70 -17.47 2.68
C LEU A 183 -0.59 -18.12 4.05
N ASN A 184 0.47 -18.86 4.35
CA ASN A 184 0.65 -19.49 5.69
C ASN A 184 1.45 -18.60 6.62
N TYR A 185 1.84 -17.40 6.19
CA TYR A 185 2.74 -16.55 6.99
C TYR A 185 2.00 -16.11 8.27
N LYS A 186 2.64 -16.30 9.42
CA LYS A 186 2.12 -15.80 10.73
C LYS A 186 3.08 -14.76 11.30
N SER A 187 4.37 -14.98 11.19
CA SER A 187 5.39 -14.11 11.80
C SER A 187 6.75 -14.47 11.26
N GLY A 188 7.71 -13.59 11.59
CA GLY A 188 9.12 -13.82 11.26
C GLY A 188 9.56 -13.30 9.89
N ILE A 189 10.67 -13.81 9.37
CA ILE A 189 11.26 -13.33 8.10
C ILE A 189 10.87 -14.31 7.00
N TYR A 190 9.96 -13.91 6.13
CA TYR A 190 9.48 -14.76 5.03
C TYR A 190 10.58 -14.94 3.98
N LYS A 191 10.68 -16.18 3.46
CA LYS A 191 11.24 -16.45 2.12
C LYS A 191 10.42 -17.62 1.52
N HIS A 192 10.36 -17.68 0.20
CA HIS A 192 9.60 -18.70 -0.53
C HIS A 192 10.32 -20.03 -0.38
N ILE A 193 9.64 -21.01 0.20
CA ILE A 193 10.19 -22.39 0.39
C ILE A 193 9.32 -23.41 -0.34
N THR A 194 7.99 -23.30 -0.22
CA THR A 194 7.06 -24.25 -0.84
C THR A 194 5.97 -23.55 -1.61
N GLY A 195 5.33 -24.30 -2.50
CA GLY A 195 4.08 -23.84 -3.09
C GLY A 195 4.29 -23.24 -4.46
N GLU A 196 3.19 -23.15 -5.20
CA GLU A 196 3.20 -22.65 -6.60
C GLU A 196 2.88 -21.16 -6.57
N THR A 197 3.14 -20.48 -7.68
CA THR A 197 2.78 -19.03 -7.80
C THR A 197 1.27 -18.78 -7.75
N LEU A 198 0.88 -17.72 -7.08
CA LEU A 198 -0.52 -17.22 -7.13
C LEU A 198 -0.55 -15.87 -7.86
N GLY A 199 0.52 -15.48 -8.52
CA GLY A 199 0.56 -14.21 -9.26
C GLY A 199 1.35 -13.18 -8.51
N GLY A 200 0.94 -11.93 -8.61
CA GLY A 200 1.69 -10.81 -8.03
C GLY A 200 0.92 -10.11 -6.92
N HIS A 201 1.63 -9.54 -5.94
CA HIS A 201 1.03 -8.77 -4.85
C HIS A 201 1.78 -7.44 -4.77
N ALA A 202 1.14 -6.41 -4.30
CA ALA A 202 1.70 -5.06 -4.18
C ALA A 202 1.54 -4.66 -2.74
N ILE A 203 2.61 -4.13 -2.17
CA ILE A 203 2.70 -3.81 -0.73
C ILE A 203 3.44 -2.49 -0.54
N ARG A 204 3.58 -2.08 0.71
CA ARG A 204 4.26 -0.82 1.09
C ARG A 204 5.49 -1.15 1.94
N ILE A 205 6.70 -0.85 1.47
CA ILE A 205 7.95 -1.03 2.27
C ILE A 205 8.16 0.22 3.12
N ILE A 206 8.26 0.06 4.45
CA ILE A 206 8.40 1.18 5.41
C ILE A 206 9.78 1.20 6.05
N GLY A 207 10.57 0.16 5.88
CA GLY A 207 11.92 0.20 6.44
C GLY A 207 12.60 -1.14 6.34
N TRP A 208 13.54 -1.40 7.27
CA TRP A 208 14.44 -2.56 7.19
C TRP A 208 15.07 -2.81 8.54
N GLY A 209 15.63 -4.00 8.71
CA GLY A 209 16.31 -4.35 9.96
C GLY A 209 17.09 -5.63 9.78
N VAL A 210 17.60 -6.14 10.88
CA VAL A 210 18.39 -7.39 10.85
C VAL A 210 18.12 -8.08 12.19
N GLU A 211 17.90 -9.38 12.14
CA GLU A 211 17.67 -10.15 13.37
C GLU A 211 18.48 -11.43 13.25
N ASN A 212 19.32 -11.75 14.25
CA ASN A 212 20.15 -12.99 14.24
C ASN A 212 20.96 -13.02 12.93
N LYS A 213 21.45 -11.85 12.52
CA LYS A 213 22.31 -11.63 11.32
C LYS A 213 21.51 -11.73 10.02
N ALA A 214 20.21 -12.00 10.05
CA ALA A 214 19.38 -12.11 8.84
C ALA A 214 18.78 -10.75 8.49
N PRO A 215 19.10 -10.17 7.32
CA PRO A 215 18.55 -8.86 6.95
C PRO A 215 17.17 -8.99 6.33
N TYR A 216 16.33 -8.00 6.58
CA TYR A 216 14.92 -8.04 6.13
C TYR A 216 14.48 -6.64 5.72
N TRP A 217 13.42 -6.60 4.92
CA TRP A 217 12.57 -5.41 4.70
C TRP A 217 11.41 -5.50 5.67
N LEU A 218 10.93 -4.36 6.15
CA LEU A 218 9.72 -4.29 7.01
C LEU A 218 8.59 -3.74 6.13
N ILE A 219 7.50 -4.48 6.02
CA ILE A 219 6.49 -4.21 4.99
C ILE A 219 5.09 -4.16 5.61
N ALA A 220 4.26 -3.19 5.17
CA ALA A 220 2.83 -3.15 5.54
C ALA A 220 2.06 -3.90 4.44
N ASN A 221 1.34 -4.93 4.84
CA ASN A 221 0.37 -5.61 3.96
C ASN A 221 -0.98 -4.92 4.13
N SER A 222 -1.91 -5.17 3.20
CA SER A 222 -3.25 -4.54 3.18
C SER A 222 -4.29 -5.63 3.43
N TRP A 223 -4.06 -6.50 4.41
CA TRP A 223 -4.97 -7.62 4.75
C TRP A 223 -5.44 -7.52 6.21
N ASN A 224 -5.49 -6.30 6.75
CA ASN A 224 -5.92 -5.92 8.11
C ASN A 224 -4.89 -6.35 9.15
N GLU A 225 -5.15 -5.94 10.38
CA GLU A 225 -4.19 -6.05 11.51
C GLU A 225 -4.08 -7.49 12.04
N ASP A 226 -5.01 -8.39 11.70
CA ASP A 226 -4.96 -9.77 12.21
C ASP A 226 -3.92 -10.56 11.41
N TRP A 227 -3.63 -10.15 10.18
CA TRP A 227 -2.70 -10.89 9.31
C TRP A 227 -1.27 -10.61 9.75
N GLY A 228 -0.44 -11.66 9.81
CA GLY A 228 1.01 -11.46 10.02
C GLY A 228 1.29 -10.81 11.34
N GLU A 229 2.23 -9.86 11.35
CA GLU A 229 2.76 -9.23 12.55
C GLU A 229 1.99 -7.93 12.74
N ASN A 230 0.77 -8.03 13.27
N ASN A 230 0.74 -8.05 13.20
CA ASN A 230 -0.16 -6.87 13.45
CA ASN A 230 -0.15 -6.88 13.41
C ASN A 230 -0.34 -6.14 12.10
C ASN A 230 -0.37 -6.14 12.08
N GLY A 231 -0.38 -6.88 10.98
CA GLY A 231 -0.64 -6.32 9.64
C GLY A 231 0.61 -6.21 8.81
N TYR A 232 1.78 -6.33 9.43
CA TYR A 232 3.09 -6.21 8.78
C TYR A 232 3.68 -7.58 8.50
N PHE A 233 4.69 -7.62 7.67
CA PHE A 233 5.54 -8.82 7.54
C PHE A 233 6.96 -8.34 7.28
N ARG A 234 7.89 -9.28 7.43
CA ARG A 234 9.31 -9.09 7.09
C ARG A 234 9.66 -10.12 6.04
N ILE A 235 10.54 -9.73 5.14
CA ILE A 235 10.98 -10.60 4.02
C ILE A 235 12.48 -10.42 3.83
N VAL A 236 13.15 -11.49 3.45
CA VAL A 236 14.61 -11.45 3.21
C VAL A 236 14.93 -10.22 2.36
N ARG A 237 16.01 -9.53 2.72
CA ARG A 237 16.54 -8.35 2.02
C ARG A 237 17.92 -8.63 1.43
N GLY A 238 18.10 -8.23 0.18
CA GLY A 238 19.42 -8.16 -0.48
C GLY A 238 19.60 -9.19 -1.58
N ARG A 239 18.64 -10.12 -1.75
CA ARG A 239 18.75 -11.25 -2.70
C ARG A 239 17.62 -11.20 -3.74
N ASP A 240 16.96 -10.06 -3.86
CA ASP A 240 15.78 -9.88 -4.75
C ASP A 240 14.78 -11.03 -4.56
N GLU A 241 14.56 -11.43 -3.30
CA GLU A 241 13.60 -12.51 -2.91
C GLU A 241 12.21 -12.24 -3.49
N CYS A 242 11.71 -13.19 -4.32
CA CYS A 242 10.40 -13.04 -4.96
C CYS A 242 10.33 -11.72 -5.74
N SER A 243 11.44 -11.21 -6.25
CA SER A 243 11.49 -9.94 -7.03
C SER A 243 11.12 -8.71 -6.21
N ILE A 244 11.31 -8.76 -4.89
CA ILE A 244 10.92 -7.65 -3.96
C ILE A 244 11.75 -6.39 -4.24
N GLU A 245 12.94 -6.49 -4.83
CA GLU A 245 13.79 -5.31 -5.05
C GLU A 245 13.61 -4.82 -6.49
N SER A 246 12.80 -5.48 -7.30
CA SER A 246 12.76 -5.22 -8.77
C SER A 246 11.50 -4.52 -9.28
N GLU A 247 10.53 -4.22 -8.40
N GLU A 247 10.54 -4.23 -8.40
CA GLU A 247 9.26 -3.60 -8.84
CA GLU A 247 9.22 -3.66 -8.80
C GLU A 247 8.87 -2.51 -7.83
C GLU A 247 8.86 -2.50 -7.86
N VAL A 248 9.85 -1.69 -7.46
CA VAL A 248 9.63 -0.59 -6.49
C VAL A 248 9.25 0.67 -7.28
N THR A 249 8.18 1.30 -6.87
CA THR A 249 7.67 2.54 -7.52
C THR A 249 7.30 3.56 -6.45
N ALA A 250 7.54 4.84 -6.71
CA ALA A 250 7.17 5.92 -5.78
C ALA A 250 7.11 7.22 -6.52
N GLY A 251 7.10 8.32 -5.78
CA GLY A 251 6.94 9.63 -6.38
C GLY A 251 6.96 10.69 -5.33
N ARG A 252 6.92 11.94 -5.75
N ARG A 252 6.98 11.95 -5.75
CA ARG A 252 7.13 13.07 -4.82
CA ARG A 252 7.20 13.11 -4.84
C ARG A 252 6.09 14.15 -5.11
C ARG A 252 6.11 14.16 -5.11
N ILE A 253 5.75 14.94 -4.09
CA ILE A 253 4.80 16.08 -4.28
C ILE A 253 5.57 17.32 -4.74
N ASN A 254 6.92 17.35 -4.67
CA ASN A 254 7.67 18.57 -5.02
C ASN A 254 9.05 18.14 -5.53
O7 U9X B . -4.93 -9.43 -3.69
C2 U9X B . -3.94 -9.99 -4.12
N3 U9X B . -3.91 -11.28 -3.88
C34 U9X B . -2.79 -12.10 -4.03
O6 U9X B . -1.73 -11.72 -4.51
C33 U9X B . -3.15 -13.43 -3.60
C31 U9X B . -4.42 -13.40 -3.11
O5 U9X B . -5.13 -14.43 -2.60
C32 U9X B . -4.86 -15.80 -3.07
C4 U9X B . -5.06 -12.00 -3.19
C27 U9X B . -6.43 -12.04 -3.91
C28 U9X B . -6.56 -12.74 -5.32
C30 U9X B . -7.50 -11.94 -6.27
C29 U9X B . -7.02 -14.23 -5.22
C7 U9X B . -2.86 -9.19 -4.78
C9 U9X B . -3.58 -7.91 -5.35
C12 U9X B . -3.70 -8.08 -6.90
C11 U9X B . -4.43 -9.34 -7.40
N1 U9X B . -2.40 -8.09 -7.65
C10 U9X B . -2.08 -7.24 -8.64
O1 U9X B . -2.82 -6.32 -9.00
C6 U9X B . -0.69 -7.33 -9.31
C13 U9X B . 0.17 -6.15 -8.81
C8 U9X B . 1.65 -6.17 -9.25
C5 U9X B . 2.39 -7.24 -8.47
C1 U9X B . 2.31 -4.79 -9.12
N2 U9X B . -0.79 -7.44 -10.75
C14 U9X B . -1.62 -8.26 -11.40
O4 U9X B . -2.30 -9.17 -10.86
C15 U9X B . -1.78 -8.03 -12.90
C16 U9X B . -2.77 -6.95 -13.32
C17 U9X B . -3.05 -6.77 -14.82
C18 U9X B . -1.76 -6.78 -15.69
C3 U9X B . -3.94 -5.57 -15.06
O2 U9X B . -2.38 -9.25 -13.44
C19 U9X B . -1.62 -10.37 -13.62
O3 U9X B . -0.45 -10.44 -13.26
C20 U9X B . -2.47 -11.46 -14.35
N4 U9X B . -3.70 -11.85 -13.61
C26 U9X B . -4.94 -11.01 -13.57
C25 U9X B . -3.38 -12.43 -12.28
C21 U9X B . -2.55 -11.14 -15.91
C24 U9X B . -3.63 -10.09 -16.32
C22 U9X B . -1.22 -10.91 -16.72
C23 U9X B . -1.22 -10.59 -18.23
NA NA C . -1.43 -11.90 13.31
#